data_5YYZ
#
_entry.id   5YYZ
#
_cell.length_a   80.640
_cell.length_b   38.183
_cell.length_c   54.418
_cell.angle_alpha   90.000
_cell.angle_beta   94.970
_cell.angle_gamma   90.000
#
_symmetry.space_group_name_H-M   'C 1 2 1'
#
loop_
_entity.id
_entity.type
_entity.pdbx_description
1 polymer 'Meiosis-specific serine/threonine-protein kinase MEK1'
2 polymer 'Meiosis-specific protein HOP1'
3 water water
#
loop_
_entity_poly.entity_id
_entity_poly.type
_entity_poly.pdbx_seq_one_letter_code
_entity_poly.pdbx_strand_id
1 'polypeptide(L)'
;MGSSHHHHHHSSGENLYFQHMGVAPAHLEVNVGGYNTEQTIPIVKHQLVKVGRNDKECQLVLTNPSISSVHCVFWCVFFD
EDSIPMFYVKDCSLNGTYLNGLLLKRDKTYLLKHCDVIELSQGSEENDIKKTRLVFMINDD
;
A
2 'polypeptide(L)' QASIQP(TPO)QFVSNN B
#
# COMPACT_ATOMS: atom_id res chain seq x y z
N VAL A 23 3.81 13.96 12.35
CA VAL A 23 2.94 13.96 11.18
C VAL A 23 3.69 13.53 9.92
N ALA A 24 3.49 12.28 9.53
CA ALA A 24 4.12 11.76 8.34
C ALA A 24 3.53 12.42 7.09
N PRO A 25 4.26 12.39 5.97
CA PRO A 25 3.72 12.98 4.73
C PRO A 25 2.36 12.41 4.36
N ALA A 26 2.14 11.12 4.60
CA ALA A 26 0.88 10.46 4.32
C ALA A 26 0.78 9.25 5.23
N HIS A 27 -0.40 8.64 5.29
CA HIS A 27 -0.55 7.41 6.06
C HIS A 27 -1.68 6.58 5.48
N LEU A 28 -1.72 5.31 5.88
CA LEU A 28 -2.78 4.39 5.50
C LEU A 28 -3.66 4.16 6.72
N GLU A 29 -4.97 4.30 6.54
CA GLU A 29 -5.96 3.89 7.54
C GLU A 29 -6.47 2.50 7.19
N VAL A 30 -6.37 1.58 8.13
CA VAL A 30 -6.67 0.18 7.89
C VAL A 30 -8.04 -0.14 8.46
N ASN A 31 -8.92 -0.68 7.63
CA ASN A 31 -10.27 -1.05 8.07
C ASN A 31 -10.57 -2.50 7.71
N GLU A 38 -8.62 1.49 14.35
CA GLU A 38 -7.54 0.56 14.07
C GLU A 38 -6.20 1.29 14.04
N GLN A 39 -5.20 0.68 13.41
CA GLN A 39 -3.86 1.23 13.35
C GLN A 39 -3.64 1.97 12.04
N THR A 40 -2.76 2.96 12.07
CA THR A 40 -2.34 3.69 10.89
C THR A 40 -0.88 3.39 10.60
N ILE A 41 -0.54 3.38 9.31
CA ILE A 41 0.79 3.09 8.82
C ILE A 41 1.33 4.36 8.16
N PRO A 42 2.40 4.95 8.67
CA PRO A 42 2.94 6.15 8.01
C PRO A 42 3.65 5.80 6.72
N ILE A 43 3.60 6.74 5.78
CA ILE A 43 4.40 6.68 4.55
C ILE A 43 5.36 7.87 4.61
N VAL A 44 6.66 7.60 4.67
CA VAL A 44 7.68 8.63 4.82
C VAL A 44 8.66 8.53 3.65
N LYS A 45 9.54 9.54 3.57
CA LYS A 45 10.55 9.58 2.52
C LYS A 45 11.45 8.36 2.59
N HIS A 46 11.88 7.89 1.41
CA HIS A 46 12.97 6.93 1.30
C HIS A 46 12.64 5.58 1.93
N GLN A 47 11.36 5.23 1.96
CA GLN A 47 10.89 4.01 2.59
C GLN A 47 9.91 3.33 1.65
N LEU A 48 10.06 2.02 1.48
CA LEU A 48 9.08 1.21 0.76
C LEU A 48 8.20 0.57 1.82
N VAL A 49 6.92 0.94 1.84
CA VAL A 49 5.98 0.40 2.80
C VAL A 49 5.30 -0.82 2.18
N LYS A 50 5.55 -1.99 2.75
CA LYS A 50 5.07 -3.26 2.21
C LYS A 50 3.87 -3.75 3.01
N VAL A 51 2.80 -4.14 2.30
CA VAL A 51 1.60 -4.69 2.91
C VAL A 51 1.51 -6.15 2.47
N GLY A 52 1.31 -7.06 3.41
CA GLY A 52 1.29 -8.46 3.04
C GLY A 52 1.13 -9.34 4.25
N ARG A 53 1.27 -10.64 4.00
CA ARG A 53 1.12 -11.63 5.07
C ARG A 53 2.43 -11.98 5.78
N ASN A 54 3.58 -11.60 5.22
CA ASN A 54 4.88 -12.03 5.75
C ASN A 54 5.33 -11.04 6.83
N ASP A 55 5.20 -11.46 8.09
CA ASP A 55 5.60 -10.60 9.19
C ASP A 55 7.11 -10.42 9.29
N LYS A 56 7.88 -11.19 8.52
CA LYS A 56 9.32 -10.95 8.47
C LYS A 56 9.71 -9.84 7.51
N GLU A 57 8.76 -9.31 6.74
CA GLU A 57 9.09 -8.31 5.72
C GLU A 57 8.12 -7.15 5.64
N CYS A 58 6.88 -7.28 6.08
CA CYS A 58 5.88 -6.26 5.82
C CYS A 58 5.72 -5.30 6.99
N GLN A 59 5.46 -4.03 6.67
CA GLN A 59 5.18 -3.00 7.66
C GLN A 59 3.75 -3.08 8.16
N LEU A 60 2.84 -3.56 7.33
CA LEU A 60 1.45 -3.79 7.68
C LEU A 60 1.16 -5.24 7.37
N VAL A 61 0.88 -6.04 8.40
CA VAL A 61 0.73 -7.48 8.25
C VAL A 61 -0.75 -7.82 8.30
N LEU A 62 -1.23 -8.47 7.25
CA LEU A 62 -2.60 -8.94 7.14
C LEU A 62 -2.58 -10.46 7.00
N THR A 63 -3.40 -11.15 7.77
CA THR A 63 -3.23 -12.58 7.95
C THR A 63 -4.17 -13.41 7.07
N ASN A 64 -5.04 -12.78 6.29
CA ASN A 64 -5.93 -13.55 5.43
C ASN A 64 -5.13 -14.42 4.47
N PRO A 65 -5.41 -15.71 4.37
CA PRO A 65 -4.54 -16.60 3.58
C PRO A 65 -4.51 -16.31 2.09
N SER A 66 -5.40 -15.47 1.56
CA SER A 66 -5.35 -15.11 0.14
C SER A 66 -4.53 -13.85 -0.12
N ILE A 67 -4.01 -13.23 0.94
CA ILE A 67 -3.08 -12.12 0.81
C ILE A 67 -1.69 -12.67 0.55
N SER A 68 -0.96 -12.09 -0.40
CA SER A 68 0.36 -12.58 -0.71
C SER A 68 1.37 -12.19 0.37
N SER A 69 2.50 -12.91 0.35
CA SER A 69 3.58 -12.68 1.31
C SER A 69 3.98 -11.22 1.33
N VAL A 70 4.26 -10.66 0.16
CA VAL A 70 4.27 -9.21 -0.05
C VAL A 70 3.23 -8.93 -1.13
N HIS A 71 2.19 -8.20 -0.76
CA HIS A 71 1.02 -8.05 -1.62
C HIS A 71 1.03 -6.78 -2.45
N CYS A 72 1.26 -5.64 -1.81
CA CYS A 72 1.42 -4.39 -2.54
C CYS A 72 2.33 -3.49 -1.74
N VAL A 73 2.88 -2.46 -2.39
CA VAL A 73 3.89 -1.61 -1.78
C VAL A 73 3.52 -0.14 -2.03
N PHE A 74 3.89 0.71 -1.07
CA PHE A 74 3.57 2.14 -1.11
C PHE A 74 4.85 2.94 -0.95
N TRP A 75 4.96 4.07 -1.66
CA TRP A 75 6.12 4.92 -1.41
C TRP A 75 5.77 6.34 -1.83
N CYS A 76 6.70 7.26 -1.60
CA CYS A 76 6.52 8.65 -2.01
C CYS A 76 7.82 9.17 -2.62
N VAL A 77 7.68 10.26 -3.38
CA VAL A 77 8.81 10.90 -4.05
C VAL A 77 8.75 12.40 -3.78
N PHE A 78 9.88 12.97 -3.37
CA PHE A 78 10.12 14.41 -3.28
C PHE A 78 11.19 14.77 -4.30
N PHE A 79 10.89 15.75 -5.17
CA PHE A 79 11.95 16.18 -6.08
C PHE A 79 12.99 17.01 -5.32
N ASP A 80 12.53 17.87 -4.42
CA ASP A 80 13.39 18.55 -3.46
C ASP A 80 12.60 18.69 -2.17
N GLU A 81 13.24 19.22 -1.13
CA GLU A 81 12.58 19.27 0.18
C GLU A 81 11.44 20.29 0.23
N ASP A 82 11.37 21.22 -0.74
CA ASP A 82 10.23 22.12 -0.85
C ASP A 82 9.13 21.57 -1.76
N SER A 83 9.36 20.46 -2.42
CA SER A 83 8.37 19.89 -3.33
C SER A 83 7.16 19.37 -2.58
N ILE A 84 6.01 19.46 -3.22
CA ILE A 84 4.81 18.74 -2.80
C ILE A 84 5.03 17.27 -3.18
N PRO A 85 5.03 16.36 -2.22
CA PRO A 85 5.37 14.97 -2.54
C PRO A 85 4.30 14.33 -3.42
N MET A 86 4.71 13.27 -4.11
CA MET A 86 3.79 12.43 -4.85
C MET A 86 3.90 11.00 -4.33
N PHE A 87 2.79 10.28 -4.38
CA PHE A 87 2.64 9.01 -3.67
C PHE A 87 2.18 7.93 -4.64
N TYR A 88 2.63 6.70 -4.39
CA TYR A 88 2.43 5.63 -5.37
C TYR A 88 2.09 4.33 -4.67
N VAL A 89 1.38 3.46 -5.41
CA VAL A 89 1.16 2.07 -5.01
C VAL A 89 1.51 1.17 -6.19
N LYS A 90 1.96 -0.05 -5.88
CA LYS A 90 2.25 -1.04 -6.90
C LYS A 90 1.83 -2.40 -6.37
N ASP A 91 1.07 -3.14 -7.16
CA ASP A 91 0.65 -4.49 -6.81
C ASP A 91 1.74 -5.49 -7.16
N CYS A 92 1.94 -6.49 -6.29
CA CYS A 92 2.85 -7.58 -6.62
C CYS A 92 2.31 -8.90 -6.09
N SER A 93 1.01 -9.14 -6.27
CA SER A 93 0.33 -10.23 -5.60
C SER A 93 -0.16 -11.31 -6.57
N LEU A 94 -0.60 -12.40 -5.96
CA LEU A 94 -1.26 -13.48 -6.69
C LEU A 94 -2.66 -13.07 -7.10
N ASN A 95 -3.47 -12.62 -6.13
CA ASN A 95 -4.90 -12.46 -6.32
C ASN A 95 -5.33 -11.06 -6.73
N GLY A 96 -4.48 -10.06 -6.58
CA GLY A 96 -4.74 -8.74 -7.12
C GLY A 96 -4.98 -7.71 -6.04
N THR A 97 -4.83 -6.44 -6.42
CA THR A 97 -5.09 -5.28 -5.60
C THR A 97 -6.02 -4.34 -6.37
N TYR A 98 -6.98 -3.75 -5.67
CA TYR A 98 -7.97 -2.87 -6.30
C TYR A 98 -7.77 -1.46 -5.80
N LEU A 99 -7.85 -0.50 -6.73
CA LEU A 99 -7.72 0.92 -6.41
C LEU A 99 -9.04 1.58 -6.81
N ASN A 100 -9.77 2.08 -5.82
CA ASN A 100 -11.10 2.66 -6.05
C ASN A 100 -11.97 1.69 -6.84
N GLY A 101 -11.86 0.42 -6.51
CA GLY A 101 -12.69 -0.61 -7.10
C GLY A 101 -12.18 -1.18 -8.40
N LEU A 102 -11.04 -0.70 -8.91
CA LEU A 102 -10.53 -1.13 -10.21
C LEU A 102 -9.28 -1.98 -10.01
N LEU A 103 -9.21 -3.12 -10.70
CA LEU A 103 -8.09 -4.03 -10.54
C LEU A 103 -6.81 -3.42 -11.13
N LEU A 104 -5.76 -3.38 -10.32
CA LEU A 104 -4.47 -2.90 -10.79
C LEU A 104 -3.76 -3.93 -11.68
N LYS A 105 -3.02 -3.43 -12.66
CA LYS A 105 -2.12 -4.28 -13.43
C LYS A 105 -0.90 -4.60 -12.56
N ARG A 106 -0.55 -5.89 -12.45
CA ARG A 106 0.52 -6.28 -11.54
C ARG A 106 1.83 -5.66 -12.01
N ASP A 107 2.62 -5.18 -11.04
CA ASP A 107 3.96 -4.60 -11.20
C ASP A 107 3.96 -3.19 -11.79
N LYS A 108 2.80 -2.58 -12.04
CA LYS A 108 2.75 -1.25 -12.61
C LYS A 108 2.54 -0.22 -11.52
N THR A 109 3.23 0.92 -11.65
CA THR A 109 3.12 1.99 -10.67
C THR A 109 1.84 2.77 -10.89
N TYR A 110 1.10 3.07 -9.82
CA TYR A 110 -0.08 3.90 -9.91
C TYR A 110 0.04 5.12 -8.98
N LEU A 111 -0.24 6.29 -9.53
CA LEU A 111 -0.25 7.52 -8.74
C LEU A 111 -1.46 7.53 -7.83
N LEU A 112 -1.25 7.84 -6.55
CA LEU A 112 -2.29 7.94 -5.55
C LEU A 112 -2.77 9.38 -5.37
N LYS A 113 -4.04 9.51 -4.97
CA LYS A 113 -4.65 10.79 -4.58
C LYS A 113 -5.20 10.65 -3.17
N HIS A 114 -5.28 11.77 -2.47
CA HIS A 114 -5.86 11.78 -1.12
C HIS A 114 -7.22 11.10 -1.09
N CYS A 115 -7.38 10.18 -0.13
CA CYS A 115 -8.59 9.39 0.15
C CYS A 115 -8.81 8.25 -0.84
N ASP A 116 -7.83 7.93 -1.69
CA ASP A 116 -7.94 6.73 -2.49
C ASP A 116 -8.12 5.51 -1.60
N VAL A 117 -8.86 4.53 -2.11
CA VAL A 117 -9.17 3.31 -1.39
C VAL A 117 -8.46 2.15 -2.05
N ILE A 118 -7.69 1.41 -1.27
CA ILE A 118 -6.94 0.25 -1.74
C ILE A 118 -7.53 -0.98 -1.06
N GLU A 119 -8.02 -1.92 -1.86
CA GLU A 119 -8.66 -3.13 -1.35
C GLU A 119 -7.84 -4.31 -1.82
N LEU A 120 -7.55 -5.23 -0.91
CA LEU A 120 -6.70 -6.37 -1.18
C LEU A 120 -7.56 -7.62 -1.29
N SER A 121 -7.29 -8.43 -2.31
CA SER A 121 -8.05 -9.65 -2.51
C SER A 121 -7.29 -10.85 -1.97
N THR A 132 -10.56 -6.38 3.09
CA THR A 132 -9.59 -5.45 3.67
C THR A 132 -9.55 -4.13 2.90
N ARG A 133 -9.74 -3.02 3.61
CA ARG A 133 -9.85 -1.69 3.01
C ARG A 133 -8.79 -0.78 3.62
N LEU A 134 -7.90 -0.27 2.79
CA LEU A 134 -6.91 0.72 3.18
C LEU A 134 -7.31 2.06 2.56
N VAL A 135 -7.32 3.12 3.36
CA VAL A 135 -7.61 4.45 2.84
C VAL A 135 -6.35 5.26 2.95
N PHE A 136 -5.89 5.78 1.83
CA PHE A 136 -4.65 6.54 1.73
C PHE A 136 -4.97 7.99 2.04
N MET A 137 -4.29 8.56 3.03
CA MET A 137 -4.52 9.94 3.44
C MET A 137 -3.23 10.73 3.34
N ILE A 138 -3.30 11.87 2.68
CA ILE A 138 -2.18 12.80 2.59
C ILE A 138 -2.30 13.82 3.70
N ASN A 139 -1.22 13.98 4.47
CA ASN A 139 -1.07 15.07 5.41
C ASN A 139 -0.25 16.21 4.83
N ASP A 140 0.78 15.87 4.05
CA ASP A 140 1.62 16.81 3.31
C ASP A 140 0.94 17.35 2.04
N ILE B 4 6.23 -19.23 6.18
CA ILE B 4 5.16 -18.50 5.50
C ILE B 4 4.42 -19.44 4.55
N GLN B 5 3.10 -19.51 4.69
CA GLN B 5 2.36 -20.49 3.91
C GLN B 5 2.13 -19.99 2.49
N PRO B 6 1.99 -20.91 1.53
CA PRO B 6 1.65 -20.46 0.16
C PRO B 6 0.33 -19.71 0.14
N GLN B 8 -3.26 -18.61 -0.88
CA GLN B 8 -4.37 -19.40 -1.41
C GLN B 8 -5.12 -18.62 -2.47
N PHE B 9 -5.82 -19.32 -3.35
CA PHE B 9 -6.64 -18.68 -4.36
C PHE B 9 -7.94 -18.16 -3.75
N VAL B 10 -8.52 -17.17 -4.42
CA VAL B 10 -9.78 -16.59 -4.00
C VAL B 10 -10.94 -17.34 -4.63
#